data_2L7D
#
_entry.id   2L7D
#
_entity_poly.entity_id   1
_entity_poly.type   'polydeoxyribonucleotide/polyribonucleotide hybrid'
_entity_poly.pdbx_seq_one_letter_code
;(DC)(DG)(DC)G(DA)(DA)(DT)(DT)(DC)(DG)(DC)(DG)
;
_entity_poly.pdbx_strand_id   A,B
#